data_5ZOG
#
_entry.id   5ZOG
#
_cell.length_a   88.330
_cell.length_b   244.800
_cell.length_c   70.940
_cell.angle_alpha   90.000
_cell.angle_beta   90.000
_cell.angle_gamma   90.000
#
_symmetry.space_group_name_H-M   'C 2 2 21'
#
loop_
_entity.id
_entity.type
_entity.pdbx_description
1 polymer 'Flap endonuclease 1'
2 polymer "DNA (5'-D(*CP*CP*CP*GP*TP*CP*C)-3')"
3 polymer "DNA (5'-D(P*TP*CP*CP*TP*CP*TP*GP*CP*CP*TP*CP*AP*AP*GP*AP*CP*GP*GP*G)-3')"
4 polymer "DNA (5'-D(*TP*GP*AP*GP*GP*CP*AP*GP*AP*GP*GP*AP*T)-3')"
5 water water
#
loop_
_entity_poly.entity_id
_entity_poly.type
_entity_poly.pdbx_seq_one_letter_code
_entity_poly.pdbx_strand_id
1 'polypeptide(L)'
;MGIQGLAKLIADVAPSAIRENDIKSYFGRKVAIDASMSIYQFLIAVRQGGDVLQNEEGETTSHLMGMFYRTIRMMENGIK
PVYVFDGKPPQLKSGELAKRSERRAEAEKQLQQAQAAGAEQEVEKFTKRLVKVTKQHNDECKHLLSLMGIPYLDAPSEAE
ASCAALVKAGKVYAAATEDMDCLTFGSPVLMFHLTASEAKKLPIQEFHLSRILQELGLNQEQFVDLCILLGSDYCESIRG
IGPKRAVDLIQKHKSIEEIVRRLDPNKYPVPENWLHKEAHQLFLEPEVLDPESVELKWSEPNEEELIKFMCGEKQFSEER
IRSGVKRLSKSRQKLAAALEHHHH
;
A
2 'polydeoxyribonucleotide' (DC)(DC)(DC)(DG)(DT)(DC)(DC) B
3 'polydeoxyribonucleotide' (DT)(DC)(DC)(DT)(DC)(DT)(DG)(DC)(DC)(DT)(DC)(DA)(DA)(DG)(DA)(DC)(DG)(DG)(DG) C
4 'polydeoxyribonucleotide' (DT)(DG)(DA)(DG)(DG)(DC)(DA)(DG)(DA)(DG)(DG)(DA)(DT) D
#
loop_
_chem_comp.id
_chem_comp.type
_chem_comp.name
_chem_comp.formula
DA DNA linking 2'-DEOXYADENOSINE-5'-MONOPHOSPHATE 'C10 H14 N5 O6 P'
DC DNA linking 2'-DEOXYCYTIDINE-5'-MONOPHOSPHATE 'C9 H14 N3 O7 P'
DG DNA linking 2'-DEOXYGUANOSINE-5'-MONOPHOSPHATE 'C10 H14 N5 O7 P'
DT DNA linking THYMIDINE-5'-MONOPHOSPHATE 'C10 H15 N2 O8 P'
#
# COMPACT_ATOMS: atom_id res chain seq x y z
N GLY A 2 -4.64 6.27 -6.12
CA GLY A 2 -3.44 6.04 -6.90
C GLY A 2 -3.31 6.87 -8.17
N ILE A 3 -2.52 6.36 -9.11
CA ILE A 3 -2.29 7.02 -10.39
C ILE A 3 -3.09 6.30 -11.46
N GLN A 4 -4.02 7.01 -12.08
CA GLN A 4 -4.98 6.39 -12.98
C GLN A 4 -4.28 5.79 -14.19
N GLY A 5 -4.34 4.46 -14.31
CA GLY A 5 -3.76 3.80 -15.45
C GLY A 5 -2.27 3.57 -15.40
N LEU A 6 -1.61 3.88 -14.28
CA LEU A 6 -0.15 3.80 -14.25
C LEU A 6 0.32 2.36 -14.38
N ALA A 7 -0.32 1.43 -13.65
CA ALA A 7 0.03 0.02 -13.76
C ALA A 7 -0.04 -0.45 -15.22
N LYS A 8 -1.18 -0.20 -15.88
CA LYS A 8 -1.33 -0.60 -17.27
C LYS A 8 -0.24 0.01 -18.14
N LEU A 9 0.08 1.29 -17.89
CA LEU A 9 1.09 1.97 -18.70
C LEU A 9 2.44 1.30 -18.56
N ILE A 10 2.82 0.96 -17.32
CA ILE A 10 4.14 0.38 -17.09
C ILE A 10 4.26 -0.94 -17.83
N ALA A 11 3.23 -1.80 -17.72
CA ALA A 11 3.26 -3.06 -18.44
C ALA A 11 3.41 -2.85 -19.94
N ASP A 12 2.70 -1.86 -20.50
CA ASP A 12 2.71 -1.64 -21.94
C ASP A 12 4.00 -0.99 -22.44
N VAL A 13 4.60 -0.11 -21.64
CA VAL A 13 5.70 0.71 -22.12
C VAL A 13 7.03 0.38 -21.46
N ALA A 14 7.04 -0.05 -20.20
CA ALA A 14 8.28 -0.44 -19.52
C ALA A 14 8.15 -1.87 -19.00
N PRO A 15 8.04 -2.86 -19.90
CA PRO A 15 7.86 -4.25 -19.44
C PRO A 15 9.02 -4.76 -18.60
N SER A 16 10.24 -4.30 -18.86
CA SER A 16 11.39 -4.81 -18.13
C SER A 16 11.42 -4.30 -16.70
N ALA A 17 10.61 -3.28 -16.38
CA ALA A 17 10.51 -2.86 -14.98
C ALA A 17 9.70 -3.82 -14.14
N ILE A 18 9.00 -4.77 -14.75
CA ILE A 18 8.20 -5.75 -14.03
C ILE A 18 8.88 -7.12 -14.14
N ARG A 19 9.28 -7.68 -13.00
CA ARG A 19 9.86 -9.01 -12.94
C ARG A 19 8.94 -9.94 -12.16
N GLU A 20 8.89 -11.20 -12.58
CA GLU A 20 8.11 -12.25 -11.90
C GLU A 20 9.07 -13.17 -11.15
N ASN A 21 8.87 -13.30 -9.83
CA ASN A 21 9.70 -14.16 -9.03
C ASN A 21 8.84 -15.16 -8.25
N ASP A 22 9.38 -16.38 -8.07
CA ASP A 22 8.68 -17.41 -7.30
C ASP A 22 8.50 -16.96 -5.86
N ILE A 23 7.42 -17.44 -5.23
CA ILE A 23 7.16 -16.97 -3.88
C ILE A 23 8.21 -17.50 -2.88
N LYS A 24 8.78 -18.69 -3.12
CA LYS A 24 9.85 -19.16 -2.25
C LYS A 24 10.99 -18.16 -2.14
N SER A 25 11.35 -17.49 -3.23
CA SER A 25 12.50 -16.58 -3.21
C SER A 25 12.30 -15.38 -2.29
N TYR A 26 11.10 -15.15 -1.77
CA TYR A 26 10.86 -14.06 -0.84
C TYR A 26 10.89 -14.50 0.61
N PHE A 27 11.12 -15.78 0.87
CA PHE A 27 11.12 -16.28 2.24
C PHE A 27 12.17 -15.54 3.07
N GLY A 28 11.74 -14.89 4.17
CA GLY A 28 12.65 -14.12 4.99
C GLY A 28 12.54 -12.61 4.82
N ARG A 29 11.83 -12.11 3.81
CA ARG A 29 11.88 -10.70 3.47
C ARG A 29 10.80 -9.88 4.19
N LYS A 30 11.12 -8.61 4.41
CA LYS A 30 10.25 -7.67 5.09
C LYS A 30 9.50 -6.82 4.05
N VAL A 31 8.17 -6.66 4.23
CA VAL A 31 7.41 -5.78 3.34
C VAL A 31 6.57 -4.82 4.16
N ALA A 32 6.38 -3.64 3.59
CA ALA A 32 5.54 -2.60 4.14
C ALA A 32 4.17 -2.67 3.51
N ILE A 33 3.13 -2.55 4.33
CA ILE A 33 1.76 -2.72 3.88
C ILE A 33 0.91 -1.54 4.36
N ASP A 34 0.09 -1.01 3.46
CA ASP A 34 -0.85 0.08 3.78
C ASP A 34 -2.06 -0.52 4.48
N ALA A 35 -2.11 -0.36 5.80
CA ALA A 35 -3.11 -1.04 6.61
C ALA A 35 -4.51 -0.43 6.43
N SER A 36 -4.59 0.89 6.23
CA SER A 36 -5.89 1.49 5.96
C SER A 36 -6.47 0.95 4.67
N MET A 37 -5.63 0.74 3.67
CA MET A 37 -6.14 0.19 2.43
C MET A 37 -6.64 -1.24 2.63
N SER A 38 -5.97 -2.00 3.51
CA SER A 38 -6.38 -3.40 3.70
C SER A 38 -7.71 -3.48 4.45
N ILE A 39 -7.85 -2.67 5.51
CA ILE A 39 -9.09 -2.64 6.26
C ILE A 39 -10.27 -2.36 5.35
N TYR A 40 -10.13 -1.38 4.46
CA TYR A 40 -11.20 -1.03 3.53
C TYR A 40 -11.57 -2.20 2.63
N GLN A 41 -10.57 -2.85 2.04
CA GLN A 41 -10.84 -4.03 1.23
C GLN A 41 -11.58 -5.08 2.02
N PHE A 42 -11.22 -5.25 3.31
CA PHE A 42 -11.90 -6.27 4.10
C PHE A 42 -13.34 -5.86 4.40
N LEU A 43 -13.56 -4.59 4.76
CA LEU A 43 -14.93 -4.16 5.03
C LEU A 43 -15.82 -4.35 3.80
N ILE A 44 -15.28 -4.17 2.61
CA ILE A 44 -16.09 -4.28 1.40
C ILE A 44 -16.34 -5.72 1.00
N ALA A 45 -15.34 -6.60 1.13
CA ALA A 45 -15.41 -7.94 0.53
C ALA A 45 -15.86 -9.03 1.50
N VAL A 46 -15.52 -8.91 2.78
CA VAL A 46 -15.83 -9.93 3.77
C VAL A 46 -17.27 -9.79 4.23
N ARG A 47 -18.23 -10.31 3.46
CA ARG A 47 -19.63 -10.05 3.74
C ARG A 47 -20.47 -11.32 3.67
N GLN A 48 -21.62 -11.28 4.33
CA GLN A 48 -22.63 -12.32 4.25
C GLN A 48 -24.00 -11.67 4.39
N GLY A 49 -24.94 -12.11 3.56
CA GLY A 49 -26.23 -11.45 3.49
C GLY A 49 -26.14 -9.97 3.19
N GLY A 50 -25.01 -9.51 2.67
CA GLY A 50 -24.85 -8.12 2.34
C GLY A 50 -24.32 -7.26 3.45
N ASP A 51 -23.98 -7.85 4.60
CA ASP A 51 -23.54 -7.10 5.75
C ASP A 51 -22.19 -7.63 6.21
N VAL A 52 -21.45 -6.80 6.91
CA VAL A 52 -20.17 -7.28 7.44
C VAL A 52 -20.43 -8.44 8.41
N LEU A 53 -19.40 -9.25 8.62
CA LEU A 53 -19.38 -10.16 9.76
C LEU A 53 -19.41 -9.36 11.06
N GLN A 54 -19.97 -9.95 12.10
CA GLN A 54 -20.21 -9.21 13.33
C GLN A 54 -20.46 -10.18 14.46
N ASN A 55 -20.28 -9.69 15.70
CA ASN A 55 -20.64 -10.47 16.87
C ASN A 55 -22.12 -10.29 17.14
N GLU A 56 -22.63 -10.94 18.19
CA GLU A 56 -24.05 -10.86 18.53
C GLU A 56 -24.54 -9.43 18.75
N GLU A 57 -23.70 -8.55 19.26
CA GLU A 57 -24.17 -7.22 19.59
C GLU A 57 -23.97 -6.24 18.45
N GLY A 58 -23.57 -6.72 17.27
CA GLY A 58 -23.53 -5.90 16.09
C GLY A 58 -22.20 -5.24 15.79
N GLU A 59 -21.16 -5.54 16.56
CA GLU A 59 -19.86 -4.95 16.29
C GLU A 59 -19.22 -5.58 15.06
N THR A 60 -18.69 -4.74 14.19
CA THR A 60 -18.07 -5.21 12.97
C THR A 60 -16.84 -6.04 13.25
N THR A 61 -16.73 -7.20 12.58
CA THR A 61 -15.49 -7.97 12.69
C THR A 61 -14.85 -8.34 11.36
N SER A 62 -15.43 -7.92 10.24
CA SER A 62 -14.86 -8.28 8.95
C SER A 62 -13.38 -7.91 8.86
N HIS A 63 -13.01 -6.73 9.37
CA HIS A 63 -11.63 -6.29 9.27
C HIS A 63 -10.70 -7.12 10.15
N LEU A 64 -11.14 -7.56 11.33
CA LEU A 64 -10.28 -8.42 12.13
C LEU A 64 -10.11 -9.77 11.48
N MET A 65 -11.21 -10.30 10.93
CA MET A 65 -11.16 -11.53 10.15
C MET A 65 -10.08 -11.45 9.08
N GLY A 66 -10.14 -10.42 8.25
CA GLY A 66 -9.18 -10.32 7.16
C GLY A 66 -7.77 -10.12 7.68
N MET A 67 -7.60 -9.20 8.64
CA MET A 67 -6.25 -8.91 9.07
C MET A 67 -5.61 -10.14 9.74
N PHE A 68 -6.38 -10.90 10.50
CA PHE A 68 -5.83 -12.07 11.18
C PHE A 68 -5.30 -13.10 10.18
N TYR A 69 -6.13 -13.48 9.19
CA TYR A 69 -5.71 -14.60 8.34
C TYR A 69 -4.82 -14.17 7.19
N ARG A 70 -4.97 -12.96 6.68
CA ARG A 70 -4.02 -12.52 5.68
C ARG A 70 -2.63 -12.44 6.27
N THR A 71 -2.51 -11.92 7.50
CA THR A 71 -1.19 -11.77 8.12
C THR A 71 -0.55 -13.13 8.36
N ILE A 72 -1.33 -14.09 8.85
CA ILE A 72 -0.79 -15.43 9.08
C ILE A 72 -0.37 -16.07 7.77
N ARG A 73 -1.14 -15.88 6.71
CA ARG A 73 -0.75 -16.47 5.44
C ARG A 73 0.58 -15.91 4.97
N MET A 74 0.79 -14.60 5.12
CA MET A 74 2.07 -14.00 4.73
C MET A 74 3.22 -14.63 5.51
N MET A 75 3.07 -14.71 6.83
CA MET A 75 4.11 -15.27 7.68
C MET A 75 4.40 -16.71 7.30
N GLU A 76 3.39 -17.46 6.87
CA GLU A 76 3.63 -18.84 6.49
C GLU A 76 4.45 -18.93 5.21
N ASN A 77 4.30 -17.95 4.32
CA ASN A 77 5.18 -17.87 3.17
C ASN A 77 6.51 -17.17 3.50
N GLY A 78 6.80 -16.95 4.78
CA GLY A 78 8.05 -16.32 5.16
C GLY A 78 8.14 -14.84 4.86
N ILE A 79 7.01 -14.19 4.58
CA ILE A 79 6.99 -12.76 4.29
C ILE A 79 6.56 -12.04 5.57
N LYS A 80 7.42 -11.12 6.03
CA LYS A 80 7.26 -10.45 7.32
C LYS A 80 6.71 -9.03 7.12
N PRO A 81 5.45 -8.80 7.43
CA PRO A 81 4.85 -7.50 7.12
C PRO A 81 5.00 -6.50 8.26
N VAL A 82 5.19 -5.23 7.90
CA VAL A 82 4.99 -4.12 8.83
C VAL A 82 3.84 -3.26 8.32
N TYR A 83 2.85 -3.04 9.18
CA TYR A 83 1.64 -2.34 8.78
C TYR A 83 1.76 -0.86 9.07
N VAL A 84 1.49 -0.03 8.05
CA VAL A 84 1.57 1.42 8.18
C VAL A 84 0.16 1.98 8.15
N PHE A 85 -0.21 2.70 9.20
CA PHE A 85 -1.52 3.32 9.32
C PHE A 85 -1.46 4.77 8.88
N ASP A 86 -2.46 5.17 8.11
CA ASP A 86 -2.57 6.53 7.61
C ASP A 86 -2.69 7.50 8.77
N GLY A 87 -2.08 8.68 8.59
CA GLY A 87 -2.27 9.80 9.49
C GLY A 87 -3.31 10.76 8.93
N LYS A 88 -3.20 12.00 9.36
CA LYS A 88 -4.11 13.00 8.84
C LYS A 88 -3.79 13.27 7.37
N PRO A 89 -4.79 13.27 6.50
CA PRO A 89 -4.53 13.45 5.07
C PRO A 89 -4.15 14.88 4.77
N PRO A 90 -3.43 15.11 3.68
CA PRO A 90 -3.08 16.48 3.29
C PRO A 90 -4.32 17.26 2.89
N GLN A 91 -4.14 18.60 2.81
CA GLN A 91 -5.25 19.46 2.43
C GLN A 91 -5.74 19.16 1.02
N LEU A 92 -4.82 18.95 0.08
CA LEU A 92 -5.20 18.66 -1.30
C LEU A 92 -6.04 17.40 -1.41
N LYS A 93 -5.69 16.36 -0.66
CA LYS A 93 -6.49 15.14 -0.69
C LYS A 93 -7.89 15.39 -0.16
N SER A 94 -7.99 16.10 0.97
CA SER A 94 -9.30 16.45 1.50
C SER A 94 -10.05 17.39 0.55
N GLY A 95 -9.36 18.37 -0.01
CA GLY A 95 -10.00 19.27 -0.95
C GLY A 95 -10.48 18.58 -2.21
N GLU A 96 -9.67 17.66 -2.74
CA GLU A 96 -10.05 16.95 -3.96
C GLU A 96 -11.22 16.01 -3.71
N LEU A 97 -11.21 15.32 -2.56
CA LEU A 97 -12.38 14.52 -2.18
C LEU A 97 -13.60 15.41 -2.00
N ALA A 98 -13.42 16.57 -1.36
CA ALA A 98 -14.54 17.48 -1.13
C ALA A 98 -15.16 17.97 -2.44
N LYS A 99 -14.32 18.22 -3.45
CA LYS A 99 -14.85 18.62 -4.75
C LYS A 99 -15.68 17.50 -5.36
N ARG A 100 -15.24 16.25 -5.22
CA ARG A 100 -15.97 15.09 -5.73
C ARG A 100 -17.20 14.80 -4.87
N LYS A 128 -28.03 2.84 -0.25
CA LYS A 128 -26.84 2.01 -0.15
C LYS A 128 -25.77 2.69 0.70
N ARG A 129 -25.48 2.10 1.87
CA ARG A 129 -24.53 2.69 2.81
C ARG A 129 -23.11 2.60 2.26
N LEU A 130 -22.37 3.69 2.43
CA LEU A 130 -21.02 3.81 1.90
C LEU A 130 -20.02 3.40 2.96
N VAL A 131 -19.14 2.46 2.62
CA VAL A 131 -18.19 1.93 3.58
C VAL A 131 -17.10 2.96 3.86
N LYS A 132 -16.73 3.10 5.12
CA LYS A 132 -15.69 4.04 5.51
C LYS A 132 -14.91 3.50 6.71
N VAL A 133 -13.58 3.59 6.65
CA VAL A 133 -12.73 3.14 7.74
C VAL A 133 -12.70 4.21 8.82
N THR A 134 -12.91 3.80 10.07
CA THR A 134 -12.96 4.72 11.19
C THR A 134 -11.73 4.50 12.07
N LYS A 135 -11.56 5.44 13.00
CA LYS A 135 -10.55 5.29 14.02
C LYS A 135 -10.76 4.01 14.81
N GLN A 136 -12.02 3.68 15.08
CA GLN A 136 -12.30 2.43 15.78
C GLN A 136 -11.77 1.22 15.01
N HIS A 137 -12.01 1.15 13.69
CA HIS A 137 -11.45 0.03 12.93
C HIS A 137 -9.93 -0.02 13.09
N ASN A 138 -9.27 1.14 12.99
CA ASN A 138 -7.81 1.19 13.12
C ASN A 138 -7.36 0.68 14.47
N ASP A 139 -7.96 1.23 15.54
CA ASP A 139 -7.60 0.88 16.91
C ASP A 139 -7.77 -0.61 17.14
N GLU A 140 -8.87 -1.19 16.63
CA GLU A 140 -9.09 -2.61 16.83
C GLU A 140 -8.02 -3.42 16.12
N CYS A 141 -7.68 -3.04 14.88
CA CYS A 141 -6.62 -3.77 14.16
C CYS A 141 -5.27 -3.58 14.83
N LYS A 142 -5.00 -2.37 15.33
CA LYS A 142 -3.74 -2.19 16.06
C LYS A 142 -3.70 -3.09 17.26
N HIS A 143 -4.84 -3.22 17.96
CA HIS A 143 -4.86 -4.09 19.13
C HIS A 143 -4.63 -5.55 18.74
N LEU A 144 -5.27 -5.99 17.65
CA LEU A 144 -5.05 -7.35 17.15
C LEU A 144 -3.58 -7.59 16.79
N LEU A 145 -3.00 -6.68 16.01
CA LEU A 145 -1.60 -6.83 15.59
C LEU A 145 -0.66 -6.95 16.80
N SER A 146 -0.88 -6.13 17.84
CA SER A 146 -0.07 -6.21 19.05
C SER A 146 -0.17 -7.57 19.71
N LEU A 147 -1.40 -8.09 19.85
CA LEU A 147 -1.54 -9.43 20.41
C LEU A 147 -0.92 -10.50 19.51
N MET A 148 -0.86 -10.26 18.20
CA MET A 148 -0.21 -11.23 17.31
C MET A 148 1.30 -11.07 17.27
N GLY A 149 1.85 -10.01 17.87
CA GLY A 149 3.28 -9.76 17.78
C GLY A 149 3.73 -9.15 16.47
N ILE A 150 2.83 -8.55 15.71
CA ILE A 150 3.13 -8.05 14.37
C ILE A 150 3.36 -6.55 14.46
N PRO A 151 4.46 -6.01 13.96
CA PRO A 151 4.76 -4.60 14.17
C PRO A 151 3.90 -3.71 13.27
N TYR A 152 3.64 -2.51 13.74
CA TYR A 152 2.91 -1.55 12.94
C TYR A 152 3.42 -0.16 13.29
N LEU A 153 3.23 0.76 12.36
CA LEU A 153 3.68 2.12 12.48
C LEU A 153 2.55 3.07 12.14
N ASP A 154 2.64 4.28 12.68
CA ASP A 154 1.73 5.39 12.40
C ASP A 154 2.46 6.38 11.52
N ALA A 155 2.02 6.50 10.29
CA ALA A 155 2.51 7.52 9.38
C ALA A 155 1.96 8.88 9.79
N PRO A 156 2.78 9.95 9.72
CA PRO A 156 2.23 11.28 10.05
C PRO A 156 1.22 11.76 9.03
N SER A 157 1.32 11.30 7.78
CA SER A 157 0.36 11.67 6.75
C SER A 157 -0.02 10.46 5.90
N GLU A 158 0.37 10.47 4.63
CA GLU A 158 0.03 9.40 3.71
C GLU A 158 0.83 8.14 4.01
N ALA A 159 0.12 7.03 4.24
CA ALA A 159 0.81 5.78 4.55
C ALA A 159 1.70 5.33 3.41
N GLU A 160 1.31 5.57 2.15
CA GLU A 160 2.12 5.09 1.03
C GLU A 160 3.44 5.85 0.95
N ALA A 161 3.42 7.12 1.35
CA ALA A 161 4.64 7.92 1.38
C ALA A 161 5.61 7.39 2.42
N SER A 162 5.09 7.01 3.59
CA SER A 162 5.94 6.43 4.61
C SER A 162 6.42 5.03 4.21
N CYS A 163 5.56 4.26 3.54
CA CYS A 163 5.99 2.97 3.00
C CYS A 163 7.15 3.16 2.04
N ALA A 164 7.04 4.16 1.16
CA ALA A 164 8.15 4.47 0.28
C ALA A 164 9.40 4.82 1.07
N ALA A 165 9.22 5.56 2.17
CA ALA A 165 10.38 5.96 2.96
C ALA A 165 11.06 4.76 3.58
N LEU A 166 10.28 3.77 4.03
CA LEU A 166 10.87 2.56 4.62
C LEU A 166 11.68 1.77 3.60
N VAL A 167 11.19 1.70 2.35
CA VAL A 167 11.95 1.00 1.32
C VAL A 167 13.22 1.76 1.00
N LYS A 168 13.11 3.08 0.83
CA LYS A 168 14.27 3.90 0.48
C LYS A 168 15.37 3.77 1.53
N ALA A 169 15.01 3.76 2.82
CA ALA A 169 16.02 3.67 3.87
C ALA A 169 16.45 2.23 4.15
N GLY A 170 15.98 1.27 3.37
CA GLY A 170 16.44 -0.10 3.52
C GLY A 170 15.84 -0.86 4.68
N LYS A 171 14.75 -0.36 5.28
CA LYS A 171 14.17 -1.05 6.42
C LYS A 171 13.27 -2.20 6.00
N VAL A 172 12.66 -2.14 4.82
CA VAL A 172 11.92 -3.26 4.25
C VAL A 172 12.38 -3.43 2.82
N TYR A 173 12.11 -4.61 2.25
CA TYR A 173 12.54 -4.84 0.88
C TYR A 173 11.65 -4.14 -0.14
N ALA A 174 10.35 -4.02 0.14
CA ALA A 174 9.41 -3.51 -0.83
C ALA A 174 8.14 -3.08 -0.12
N ALA A 175 7.39 -2.20 -0.79
CA ALA A 175 6.00 -1.96 -0.45
C ALA A 175 5.15 -2.98 -1.21
N ALA A 176 4.26 -3.64 -0.47
CA ALA A 176 3.33 -4.60 -1.06
C ALA A 176 1.97 -3.92 -1.12
N THR A 177 1.63 -3.40 -2.30
CA THR A 177 0.47 -2.53 -2.43
C THR A 177 -0.02 -2.56 -3.86
N GLU A 178 -1.28 -2.19 -4.06
CA GLU A 178 -1.82 -1.99 -5.40
C GLU A 178 -1.85 -0.52 -5.78
N ASP A 179 -1.43 0.36 -4.90
CA ASP A 179 -1.49 1.80 -5.14
C ASP A 179 -0.14 2.24 -5.74
N MET A 180 -0.15 2.55 -7.04
CA MET A 180 1.04 3.05 -7.73
C MET A 180 1.55 4.37 -7.17
N ASP A 181 0.90 4.91 -6.12
CA ASP A 181 1.36 6.15 -5.51
C ASP A 181 2.79 6.03 -4.98
N CYS A 182 3.12 4.85 -4.45
CA CYS A 182 4.41 4.58 -3.80
C CYS A 182 5.54 4.86 -4.74
N LEU A 183 5.36 4.41 -5.95
CA LEU A 183 6.32 4.71 -7.01
C LEU A 183 6.47 6.23 -7.17
N THR A 184 5.34 6.96 -7.24
CA THR A 184 5.44 8.41 -7.33
C THR A 184 6.13 9.00 -6.11
N PHE A 185 6.02 8.36 -4.95
CA PHE A 185 6.73 8.77 -3.75
C PHE A 185 8.17 8.27 -3.70
N GLY A 186 8.68 7.64 -4.76
CA GLY A 186 10.07 7.25 -4.80
C GLY A 186 10.39 5.86 -4.31
N SER A 187 9.39 5.03 -4.03
CA SER A 187 9.69 3.68 -3.58
C SER A 187 10.45 2.90 -4.64
N PRO A 188 11.66 2.44 -4.35
CA PRO A 188 12.44 1.72 -5.38
C PRO A 188 11.83 0.40 -5.80
N VAL A 189 11.10 -0.28 -4.93
CA VAL A 189 10.57 -1.60 -5.24
C VAL A 189 9.13 -1.71 -4.74
N LEU A 190 8.30 -2.35 -5.55
CA LEU A 190 6.88 -2.53 -5.25
C LEU A 190 6.48 -3.95 -5.61
N MET A 191 5.93 -4.69 -4.65
CA MET A 191 5.34 -6.00 -4.92
C MET A 191 3.84 -5.82 -5.18
N PHE A 192 3.44 -6.15 -6.40
CA PHE A 192 2.12 -5.82 -6.92
C PHE A 192 1.25 -7.07 -6.89
N HIS A 193 0.10 -6.98 -6.23
CA HIS A 193 -0.89 -8.06 -6.16
C HIS A 193 -0.33 -9.30 -5.47
N LEU A 194 0.30 -9.07 -4.31
CA LEU A 194 0.92 -10.16 -3.56
C LEU A 194 -0.11 -11.19 -3.14
N THR A 195 -1.23 -10.73 -2.53
CA THR A 195 -2.18 -11.69 -1.97
C THR A 195 -2.92 -12.46 -3.05
N ALA A 196 -3.16 -11.84 -4.21
CA ALA A 196 -3.73 -12.63 -5.30
C ALA A 196 -2.72 -13.66 -5.81
N SER A 197 -1.44 -13.30 -5.83
CA SER A 197 -0.41 -14.27 -6.21
C SER A 197 -0.41 -15.44 -5.23
N GLU A 198 -0.61 -15.15 -3.93
CA GLU A 198 -0.65 -16.24 -2.96
C GLU A 198 -1.86 -17.12 -3.17
N ALA A 199 -3.04 -16.52 -3.36
CA ALA A 199 -4.26 -17.29 -3.45
C ALA A 199 -4.30 -18.10 -4.75
N LYS A 200 -3.77 -17.56 -5.84
CA LYS A 200 -3.90 -18.20 -7.14
C LYS A 200 -2.66 -19.02 -7.52
N LYS A 201 -1.64 -19.04 -6.67
CA LYS A 201 -0.41 -19.79 -6.93
C LYS A 201 0.30 -19.24 -8.19
N LEU A 202 0.63 -17.96 -8.11
CA LEU A 202 1.25 -17.27 -9.23
C LEU A 202 2.53 -16.59 -8.74
N PRO A 203 3.47 -16.31 -9.65
CA PRO A 203 4.67 -15.57 -9.23
C PRO A 203 4.29 -14.18 -8.81
N ILE A 204 5.17 -13.56 -8.05
CA ILE A 204 4.92 -12.24 -7.54
C ILE A 204 5.50 -11.23 -8.50
N GLN A 205 4.69 -10.25 -8.87
CA GLN A 205 5.10 -9.18 -9.78
C GLN A 205 5.83 -8.11 -8.97
N GLU A 206 7.07 -7.84 -9.34
CA GLU A 206 7.92 -6.84 -8.70
C GLU A 206 8.16 -5.70 -9.68
N PHE A 207 7.84 -4.48 -9.27
CA PHE A 207 8.10 -3.28 -10.06
C PHE A 207 9.37 -2.61 -9.55
N HIS A 208 10.29 -2.26 -10.47
CA HIS A 208 11.54 -1.58 -10.11
C HIS A 208 11.53 -0.14 -10.64
N LEU A 209 11.40 0.82 -9.72
CA LEU A 209 11.27 2.22 -10.13
C LEU A 209 12.41 2.65 -11.04
N SER A 210 13.64 2.32 -10.69
CA SER A 210 14.78 2.74 -11.51
C SER A 210 14.60 2.26 -12.95
N ARG A 211 14.16 1.02 -13.14
CA ARG A 211 13.94 0.54 -14.50
C ARG A 211 12.85 1.34 -15.20
N ILE A 212 11.78 1.70 -14.48
CA ILE A 212 10.74 2.55 -15.05
C ILE A 212 11.36 3.83 -15.61
N LEU A 213 12.16 4.52 -14.80
CA LEU A 213 12.76 5.78 -15.23
C LEU A 213 13.69 5.57 -16.42
N GLN A 214 14.38 4.44 -16.43
CA GLN A 214 15.32 4.16 -17.52
C GLN A 214 14.58 3.88 -18.82
N GLU A 215 13.48 3.13 -18.75
CA GLU A 215 12.72 2.83 -19.96
C GLU A 215 12.04 4.08 -20.51
N LEU A 216 11.50 4.94 -19.65
CA LEU A 216 10.86 6.17 -20.09
C LEU A 216 11.85 7.29 -20.37
N GLY A 217 13.11 7.15 -19.95
CA GLY A 217 14.05 8.25 -20.15
C GLY A 217 13.69 9.48 -19.34
N LEU A 218 13.26 9.29 -18.09
CA LEU A 218 12.81 10.36 -17.23
C LEU A 218 13.53 10.28 -15.90
N ASN A 219 13.59 11.42 -15.20
CA ASN A 219 14.06 11.45 -13.82
C ASN A 219 12.84 11.46 -12.90
N GLN A 220 13.11 11.38 -11.59
CA GLN A 220 12.01 11.26 -10.63
C GLN A 220 11.06 12.44 -10.72
N GLU A 221 11.59 13.66 -10.83
CA GLU A 221 10.73 14.84 -10.87
C GLU A 221 9.85 14.84 -12.12
N GLN A 222 10.41 14.42 -13.26
CA GLN A 222 9.62 14.33 -14.47
C GLN A 222 8.57 13.23 -14.36
N PHE A 223 8.90 12.13 -13.68
CA PHE A 223 7.95 11.06 -13.46
C PHE A 223 6.76 11.54 -12.65
N VAL A 224 7.02 12.36 -11.62
CA VAL A 224 5.96 12.90 -10.79
C VAL A 224 5.01 13.75 -11.64
N ASP A 225 5.58 14.57 -12.52
CA ASP A 225 4.73 15.37 -13.38
C ASP A 225 3.89 14.48 -14.31
N LEU A 226 4.49 13.41 -14.83
CA LEU A 226 3.73 12.47 -15.64
C LEU A 226 2.58 11.87 -14.84
N CYS A 227 2.88 11.41 -13.63
CA CYS A 227 1.85 10.82 -12.79
C CYS A 227 0.70 11.79 -12.56
N ILE A 228 1.00 13.07 -12.40
CA ILE A 228 -0.06 14.03 -12.17
C ILE A 228 -0.96 14.13 -13.39
N LEU A 229 -0.35 14.13 -14.58
CA LEU A 229 -1.14 14.18 -15.82
C LEU A 229 -2.01 12.95 -15.98
N LEU A 230 -1.50 11.78 -15.59
CA LEU A 230 -2.31 10.57 -15.69
C LEU A 230 -3.55 10.67 -14.81
N GLY A 231 -3.41 11.27 -13.62
CA GLY A 231 -4.54 11.49 -12.75
C GLY A 231 -4.25 11.01 -11.35
N SER A 232 -4.14 11.94 -10.40
CA SER A 232 -3.75 11.63 -9.03
C SER A 232 -4.88 11.99 -8.08
N ASP A 233 -4.74 11.55 -6.83
CA ASP A 233 -5.72 11.91 -5.81
C ASP A 233 -5.53 13.35 -5.33
N TYR A 234 -4.41 13.98 -5.66
CA TYR A 234 -4.13 15.30 -5.12
C TYR A 234 -4.78 16.40 -5.93
N CYS A 235 -4.86 16.25 -7.25
CA CYS A 235 -5.35 17.34 -8.07
C CYS A 235 -5.87 16.82 -9.41
N GLU A 236 -6.47 17.73 -10.16
CA GLU A 236 -7.12 17.44 -11.42
C GLU A 236 -6.10 17.18 -12.52
N SER A 237 -6.56 16.53 -13.58
CA SER A 237 -5.78 16.28 -14.78
C SER A 237 -6.35 17.08 -15.95
N ILE A 238 -5.49 17.33 -16.94
CA ILE A 238 -5.92 18.03 -18.14
C ILE A 238 -6.88 17.16 -18.93
N ARG A 239 -8.07 17.70 -19.20
CA ARG A 239 -9.03 16.98 -20.01
C ARG A 239 -8.53 16.82 -21.44
N GLY A 240 -8.68 15.62 -21.97
CA GLY A 240 -8.17 15.32 -23.29
C GLY A 240 -6.73 14.85 -23.32
N ILE A 241 -6.07 14.78 -22.17
CA ILE A 241 -4.72 14.24 -22.06
C ILE A 241 -4.82 12.94 -21.29
N GLY A 242 -4.41 11.85 -21.93
CA GLY A 242 -4.41 10.54 -21.31
C GLY A 242 -3.03 9.93 -21.38
N PRO A 243 -2.95 8.60 -21.31
CA PRO A 243 -1.64 7.93 -21.20
C PRO A 243 -0.73 8.19 -22.38
N LYS A 244 -1.24 8.07 -23.61
CA LYS A 244 -0.36 8.22 -24.77
C LYS A 244 0.17 9.63 -24.89
N ARG A 245 -0.71 10.63 -24.76
CA ARG A 245 -0.29 12.02 -24.91
C ARG A 245 0.64 12.44 -23.78
N ALA A 246 0.34 12.04 -22.55
CA ALA A 246 1.12 12.51 -21.40
C ALA A 246 2.57 12.03 -21.48
N VAL A 247 2.78 10.80 -21.96
CA VAL A 247 4.15 10.29 -22.07
C VAL A 247 4.92 11.10 -23.10
N ASP A 248 4.30 11.34 -24.26
CA ASP A 248 4.98 12.10 -25.31
C ASP A 248 5.29 13.51 -24.85
N LEU A 249 4.31 14.18 -24.23
CA LEU A 249 4.51 15.57 -23.82
C LEU A 249 5.58 15.70 -22.74
N ILE A 250 5.55 14.80 -21.75
CA ILE A 250 6.54 14.87 -20.67
C ILE A 250 7.94 14.60 -21.19
N GLN A 251 8.06 13.68 -22.16
CA GLN A 251 9.38 13.35 -22.67
C GLN A 251 10.03 14.53 -23.39
N LYS A 252 9.25 15.25 -24.20
CA LYS A 252 9.82 16.34 -24.97
C LYS A 252 9.96 17.61 -24.14
N HIS A 253 8.94 17.98 -23.38
CA HIS A 253 8.91 19.27 -22.69
C HIS A 253 9.47 19.20 -21.27
N LYS A 254 9.43 18.03 -20.64
CA LYS A 254 10.10 17.69 -19.39
C LYS A 254 9.39 18.23 -18.13
N SER A 255 8.42 19.14 -18.26
CA SER A 255 7.73 19.66 -17.08
C SER A 255 6.32 20.08 -17.47
N ILE A 256 5.43 20.12 -16.48
CA ILE A 256 4.06 20.53 -16.75
C ILE A 256 4.01 21.98 -17.20
N GLU A 257 4.77 22.84 -16.53
CA GLU A 257 4.76 24.25 -16.91
C GLU A 257 5.25 24.45 -18.34
N GLU A 258 6.28 23.71 -18.75
CA GLU A 258 6.73 23.82 -20.13
C GLU A 258 5.67 23.28 -21.09
N ILE A 259 4.90 22.29 -20.66
CA ILE A 259 3.85 21.73 -21.50
C ILE A 259 2.71 22.72 -21.68
N VAL A 260 2.29 23.37 -20.58
CA VAL A 260 1.13 24.26 -20.67
C VAL A 260 1.42 25.45 -21.58
N ARG A 261 2.67 25.91 -21.64
CA ARG A 261 2.99 27.01 -22.54
C ARG A 261 2.88 26.57 -24.00
N ARG A 262 3.29 25.33 -24.30
CA ARG A 262 3.30 24.86 -25.67
C ARG A 262 1.93 24.38 -26.13
N LEU A 263 1.09 23.89 -25.22
CA LEU A 263 -0.23 23.41 -25.58
C LEU A 263 -1.09 24.53 -26.14
N ASP A 264 -1.84 24.22 -27.18
CA ASP A 264 -2.83 25.17 -27.71
C ASP A 264 -3.98 25.32 -26.73
N PRO A 265 -4.28 26.52 -26.23
CA PRO A 265 -5.32 26.64 -25.20
C PRO A 265 -6.71 26.32 -25.70
N ASN A 266 -7.01 26.50 -26.99
CA ASN A 266 -8.35 26.18 -27.48
C ASN A 266 -8.60 24.69 -27.49
N LYS A 267 -7.61 23.90 -27.92
CA LYS A 267 -7.81 22.45 -28.06
C LYS A 267 -7.76 21.76 -26.70
N TYR A 268 -6.72 22.03 -25.91
CA TYR A 268 -6.50 21.36 -24.63
C TYR A 268 -6.37 22.38 -23.51
N PRO A 269 -7.47 22.99 -23.09
CA PRO A 269 -7.40 23.96 -21.99
C PRO A 269 -7.21 23.26 -20.66
N VAL A 270 -6.39 23.85 -19.81
CA VAL A 270 -6.12 23.29 -18.49
C VAL A 270 -7.27 23.67 -17.54
N PRO A 271 -7.49 22.91 -16.48
CA PRO A 271 -8.56 23.27 -15.54
C PRO A 271 -8.17 24.49 -14.71
N GLU A 272 -9.15 25.33 -14.43
CA GLU A 272 -8.89 26.53 -13.65
C GLU A 272 -8.61 26.17 -12.20
N ASN A 273 -7.83 27.02 -11.53
CA ASN A 273 -7.42 26.80 -10.15
C ASN A 273 -6.64 25.50 -10.02
N TRP A 274 -5.77 25.24 -11.00
CA TRP A 274 -5.02 23.99 -11.01
C TRP A 274 -3.92 24.02 -9.95
N LEU A 275 -3.85 22.96 -9.15
CA LEU A 275 -2.91 22.91 -8.03
C LEU A 275 -1.78 21.93 -8.27
N HIS A 276 -1.31 21.80 -9.51
CA HIS A 276 -0.28 20.81 -9.82
C HIS A 276 1.07 21.17 -9.20
N LYS A 277 1.38 22.45 -9.05
CA LYS A 277 2.60 22.83 -8.34
C LYS A 277 2.56 22.29 -6.92
N GLU A 278 1.41 22.41 -6.27
CA GLU A 278 1.25 21.92 -4.90
C GLU A 278 1.31 20.40 -4.87
N ALA A 279 0.64 19.73 -5.81
CA ALA A 279 0.68 18.27 -5.84
C ALA A 279 2.10 17.77 -6.11
N HIS A 280 2.83 18.46 -6.97
CA HIS A 280 4.22 18.11 -7.21
C HIS A 280 5.02 18.12 -5.93
N GLN A 281 4.87 19.18 -5.13
CA GLN A 281 5.61 19.29 -3.89
C GLN A 281 5.23 18.19 -2.90
N LEU A 282 3.93 17.86 -2.83
CA LEU A 282 3.50 16.77 -1.95
C LEU A 282 4.19 15.47 -2.32
N PHE A 283 4.30 15.18 -3.62
CA PHE A 283 4.95 13.93 -4.01
C PHE A 283 6.44 13.96 -3.74
N LEU A 284 7.08 15.12 -3.91
CA LEU A 284 8.53 15.20 -3.81
C LEU A 284 8.99 15.27 -2.36
N GLU A 285 8.28 16.00 -1.51
CA GLU A 285 8.65 16.16 -0.11
C GLU A 285 7.43 15.84 0.76
N PRO A 286 7.02 14.59 0.82
CA PRO A 286 5.92 14.23 1.70
C PRO A 286 6.37 14.21 3.14
N GLU A 287 5.46 14.55 4.04
CA GLU A 287 5.67 14.26 5.44
C GLU A 287 5.67 12.75 5.62
N VAL A 288 6.72 12.21 6.23
CA VAL A 288 6.90 10.77 6.40
C VAL A 288 7.46 10.50 7.79
N LEU A 289 7.32 9.26 8.24
CA LEU A 289 7.94 8.89 9.49
C LEU A 289 9.46 8.82 9.33
N ASP A 290 10.18 8.98 10.44
CA ASP A 290 11.62 8.78 10.43
C ASP A 290 11.96 7.29 10.46
N PRO A 291 12.57 6.75 9.40
CA PRO A 291 12.80 5.30 9.36
C PRO A 291 13.90 4.85 10.31
N GLU A 292 14.79 5.76 10.73
CA GLU A 292 15.84 5.37 11.64
C GLU A 292 15.31 5.17 13.04
N SER A 293 14.24 5.87 13.41
CA SER A 293 13.61 5.66 14.70
C SER A 293 12.87 4.33 14.78
N VAL A 294 12.61 3.68 13.64
CA VAL A 294 11.71 2.53 13.62
C VAL A 294 12.43 1.30 14.16
N GLU A 295 11.82 0.64 15.14
CA GLU A 295 12.30 -0.65 15.62
C GLU A 295 11.29 -1.72 15.23
N LEU A 296 11.76 -2.79 14.63
CA LEU A 296 10.92 -3.81 14.01
C LEU A 296 11.14 -5.14 14.71
N LYS A 297 10.07 -5.73 15.22
CA LYS A 297 10.19 -7.12 15.65
C LYS A 297 8.89 -7.86 15.39
N TRP A 298 9.01 -9.16 15.26
CA TRP A 298 7.90 -10.09 15.06
C TRP A 298 7.96 -11.09 16.21
N SER A 299 7.25 -10.80 17.30
CA SER A 299 7.41 -11.57 18.51
C SER A 299 6.29 -12.60 18.67
N GLU A 300 6.45 -13.48 19.66
CA GLU A 300 5.55 -14.62 19.82
C GLU A 300 4.11 -14.15 20.05
N PRO A 301 3.14 -14.63 19.28
CA PRO A 301 1.76 -14.25 19.53
C PRO A 301 1.35 -14.59 20.95
N ASN A 302 0.46 -13.79 21.51
CA ASN A 302 -0.03 -14.02 22.88
C ASN A 302 -1.33 -14.81 22.77
N GLU A 303 -1.22 -16.14 22.86
CA GLU A 303 -2.36 -16.99 22.54
C GLU A 303 -3.53 -16.74 23.49
N GLU A 304 -3.25 -16.60 24.79
CA GLU A 304 -4.34 -16.47 25.75
C GLU A 304 -5.07 -15.15 25.56
N GLU A 305 -4.33 -14.07 25.30
CA GLU A 305 -4.99 -12.78 25.10
C GLU A 305 -5.73 -12.73 23.77
N LEU A 306 -5.18 -13.38 22.74
CA LEU A 306 -5.89 -13.48 21.46
C LEU A 306 -7.25 -14.15 21.65
N ILE A 307 -7.29 -15.24 22.43
CA ILE A 307 -8.55 -15.93 22.66
C ILE A 307 -9.54 -15.00 23.37
N LYS A 308 -9.08 -14.33 24.42
CA LYS A 308 -9.99 -13.44 25.16
C LYS A 308 -10.53 -12.34 24.26
N PHE A 309 -9.72 -11.86 23.32
CA PHE A 309 -10.15 -10.76 22.46
C PHE A 309 -11.00 -11.27 21.27
N MET A 310 -10.42 -12.12 20.44
CA MET A 310 -11.08 -12.58 19.22
C MET A 310 -12.25 -13.50 19.51
N CYS A 311 -12.16 -14.33 20.54
CA CYS A 311 -13.26 -15.21 20.93
C CYS A 311 -14.15 -14.59 22.01
N GLY A 312 -13.57 -14.03 23.05
CA GLY A 312 -14.38 -13.56 24.16
C GLY A 312 -15.17 -12.32 23.79
N GLU A 313 -14.52 -11.35 23.14
CA GLU A 313 -15.22 -10.14 22.74
C GLU A 313 -15.78 -10.22 21.33
N LYS A 314 -15.04 -10.80 20.38
CA LYS A 314 -15.48 -10.76 18.98
C LYS A 314 -16.15 -12.05 18.52
N GLN A 315 -16.15 -13.10 19.34
CA GLN A 315 -16.89 -14.32 19.08
C GLN A 315 -16.38 -15.10 17.86
N PHE A 316 -15.12 -14.93 17.51
CA PHE A 316 -14.48 -15.88 16.63
C PHE A 316 -14.48 -17.27 17.25
N SER A 317 -14.48 -18.28 16.40
CA SER A 317 -14.42 -19.66 16.87
C SER A 317 -13.07 -19.93 17.53
N GLU A 318 -13.09 -20.43 18.77
CA GLU A 318 -11.86 -20.68 19.49
C GLU A 318 -10.99 -21.73 18.79
N GLU A 319 -11.61 -22.78 18.24
CA GLU A 319 -10.83 -23.75 17.50
C GLU A 319 -10.10 -23.11 16.33
N ARG A 320 -10.75 -22.17 15.62
CA ARG A 320 -10.11 -21.56 14.45
C ARG A 320 -9.01 -20.60 14.86
N ILE A 321 -9.19 -19.89 15.97
CA ILE A 321 -8.17 -18.95 16.42
C ILE A 321 -6.94 -19.72 16.87
N ARG A 322 -7.13 -20.69 17.77
CA ARG A 322 -6.00 -21.52 18.23
C ARG A 322 -5.23 -22.07 17.05
N SER A 323 -5.96 -22.55 16.05
CA SER A 323 -5.26 -23.10 14.90
C SER A 323 -4.46 -22.02 14.19
N GLY A 324 -4.96 -20.79 14.16
CA GLY A 324 -4.23 -19.75 13.49
C GLY A 324 -3.01 -19.29 14.27
N VAL A 325 -3.13 -19.30 15.60
CA VAL A 325 -2.00 -18.90 16.44
C VAL A 325 -0.90 -19.95 16.35
N LYS A 326 -1.28 -21.23 16.35
CA LYS A 326 -0.30 -22.30 16.23
C LYS A 326 0.44 -22.20 14.91
N ARG A 327 -0.28 -21.92 13.82
CA ARG A 327 0.43 -21.77 12.54
C ARG A 327 1.35 -20.55 12.58
N LEU A 328 0.92 -19.50 13.26
CA LEU A 328 1.77 -18.30 13.31
C LEU A 328 3.01 -18.53 14.18
N SER A 329 2.82 -19.21 15.31
CA SER A 329 3.94 -19.60 16.14
C SER A 329 4.97 -20.40 15.35
N LYS A 330 4.50 -21.45 14.67
CA LYS A 330 5.40 -22.29 13.90
C LYS A 330 6.08 -21.49 12.79
N SER A 331 5.35 -20.56 12.19
CA SER A 331 5.94 -19.64 11.22
C SER A 331 7.11 -18.85 11.79
N ARG A 332 6.99 -18.37 13.04
CA ARG A 332 8.12 -17.62 13.63
C ARG A 332 9.34 -18.51 13.74
N GLN A 333 9.16 -19.77 14.18
CA GLN A 333 10.29 -20.69 14.33
C GLN A 333 11.02 -20.91 13.01
N LYS A 334 10.28 -21.06 11.92
CA LYS A 334 10.93 -21.30 10.64
C LYS A 334 11.66 -20.04 10.18
N LEU A 335 11.05 -18.87 10.36
CA LEU A 335 11.74 -17.62 10.00
C LEU A 335 13.03 -17.46 10.82
N ALA A 336 12.97 -17.76 12.11
CA ALA A 336 14.16 -17.57 12.94
C ALA A 336 15.26 -18.52 12.50
N ALA A 337 14.91 -19.77 12.21
CA ALA A 337 15.95 -20.72 11.80
C ALA A 337 16.56 -20.32 10.48
N ALA A 338 15.73 -19.84 9.55
CA ALA A 338 16.23 -19.48 8.23
C ALA A 338 17.10 -18.21 8.26
N LEU A 339 16.85 -17.31 9.20
CA LEU A 339 17.52 -16.02 9.22
C LEU A 339 18.67 -15.94 10.23
N GLU A 340 18.84 -16.94 11.11
CA GLU A 340 19.80 -16.80 12.19
C GLU A 340 21.21 -16.50 11.67
N HIS A 341 21.65 -17.20 10.63
CA HIS A 341 22.96 -16.98 10.04
C HIS A 341 22.91 -16.20 8.73
N HIS A 342 21.77 -15.58 8.41
CA HIS A 342 21.58 -14.80 7.20
C HIS A 342 20.77 -13.54 7.55
N HIS A 343 21.39 -12.62 8.30
CA HIS A 343 20.76 -11.34 8.61
C HIS A 343 20.55 -10.52 7.35
N HIS A 344 19.48 -9.73 7.33
CA HIS A 344 19.20 -8.88 6.17
C HIS A 344 19.56 -7.43 6.45
#